data_5U3E
#
_entry.id   5U3E
#
_cell.length_a   64.169
_cell.length_b   70.030
_cell.length_c   111.649
_cell.angle_alpha   90.000
_cell.angle_beta   90.000
_cell.angle_gamma   90.000
#
_symmetry.space_group_name_H-M   'I 2 2 2'
#
loop_
_entity.id
_entity.type
_entity.pdbx_description
1 polymer 'Canavalia bonariensis seed lectin'
2 non-polymer 'methyl alpha-D-mannopyranoside'
3 non-polymer 'MANGANESE (II) ION'
4 non-polymer 'CALCIUM ION'
5 water water
#
_entity_poly.entity_id   1
_entity_poly.type   'polypeptide(L)'
_entity_poly.pdbx_seq_one_letter_code
;ADTIVAVELDTYPNTDIGDPNYPHIGIDIKSIRSKKTTRWNIQNGKVGTAHINYNSVGKRLSAIVSYPNSDSATVSYDVD
LDNVLPEWVRVGLSATTGLYKETNTILSWSFTSKLKSNSTADANALHFTFNQFSKDQKDLILQGDATTGTDGNLELTRVS
SNGSPQGNSVGRALFYAPVHIWESSAVVASFDATFKFLIKSPDSEPADGITFFIANIDSSIPSGSGGRLLGLFPDAN
;
_entity_poly.pdbx_strand_id   A
#
loop_
_chem_comp.id
_chem_comp.type
_chem_comp.name
_chem_comp.formula
CA non-polymer 'CALCIUM ION' 'Ca 2'
MMA D-saccharide 'methyl alpha-D-mannopyranoside' 'C7 H14 O6'
MN non-polymer 'MANGANESE (II) ION' 'Mn 2'
#
# COMPACT_ATOMS: atom_id res chain seq x y z
N ALA A 1 -4.64 14.13 13.64
CA ALA A 1 -4.31 13.85 12.23
C ALA A 1 -4.37 12.34 11.98
N ASP A 2 -4.29 11.93 10.72
CA ASP A 2 -4.32 10.50 10.41
C ASP A 2 -3.18 9.78 11.11
N THR A 3 -3.42 8.52 11.47
CA THR A 3 -2.38 7.60 11.94
C THR A 3 -2.16 6.57 10.83
N ILE A 4 -0.96 6.55 10.26
CA ILE A 4 -0.69 5.78 9.05
C ILE A 4 0.42 4.78 9.31
N VAL A 5 0.16 3.51 9.01
CA VAL A 5 1.19 2.49 8.85
C VAL A 5 1.08 1.98 7.42
N ALA A 6 2.21 1.82 6.76
CA ALA A 6 2.21 1.45 5.36
C ALA A 6 3.44 0.65 5.00
N VAL A 7 3.29 -0.15 3.95
CA VAL A 7 4.40 -0.72 3.19
C VAL A 7 4.45 -0.02 1.83
N GLU A 8 5.57 0.65 1.54
CA GLU A 8 5.69 1.45 0.33
C GLU A 8 6.58 0.72 -0.69
N LEU A 9 6.08 0.66 -1.93
CA LEU A 9 6.86 0.21 -3.08
C LEU A 9 7.37 1.50 -3.71
N ASP A 10 8.54 1.97 -3.27
CA ASP A 10 8.96 3.33 -3.60
C ASP A 10 9.81 3.28 -4.86
N THR A 11 9.23 3.72 -5.99
CA THR A 11 9.87 3.60 -7.28
C THR A 11 10.84 4.74 -7.58
N TYR A 12 10.76 5.84 -6.86
CA TYR A 12 11.53 7.05 -7.17
C TYR A 12 12.36 7.51 -5.98
N PRO A 13 13.68 7.51 -6.08
CA PRO A 13 14.51 7.99 -4.96
C PRO A 13 14.33 9.47 -4.64
N ASN A 14 13.74 9.77 -3.49
CA ASN A 14 13.69 11.14 -2.97
C ASN A 14 14.73 11.16 -1.85
N THR A 15 15.98 11.38 -2.27
CA THR A 15 17.13 11.31 -1.38
C THR A 15 17.19 12.52 -0.46
N ASP A 16 16.52 13.60 -0.83
CA ASP A 16 16.53 14.79 -0.02
C ASP A 16 15.62 14.68 1.19
N ILE A 17 14.71 13.71 1.19
CA ILE A 17 13.83 13.46 2.33
C ILE A 17 14.06 12.05 2.87
N GLY A 18 15.27 11.51 2.70
CA GLY A 18 15.71 10.33 3.42
C GLY A 18 15.60 9.01 2.66
N ASP A 19 15.10 9.02 1.43
CA ASP A 19 15.13 7.81 0.63
C ASP A 19 16.58 7.37 0.38
N PRO A 20 16.83 6.06 0.33
CA PRO A 20 18.11 5.60 -0.20
C PRO A 20 18.20 5.93 -1.68
N ASN A 21 19.41 5.81 -2.23
CA ASN A 21 19.60 6.29 -3.60
C ASN A 21 19.32 5.20 -4.62
N TYR A 22 18.12 4.62 -4.55
CA TYR A 22 17.69 3.55 -5.44
C TYR A 22 16.24 3.18 -5.13
N PRO A 23 15.46 2.70 -6.11
CA PRO A 23 14.10 2.23 -5.81
C PRO A 23 14.14 1.22 -4.68
N HIS A 24 13.10 1.25 -3.83
CA HIS A 24 13.16 0.45 -2.61
C HIS A 24 11.75 0.10 -2.15
N ILE A 25 11.66 -0.96 -1.37
CA ILE A 25 10.50 -1.21 -0.53
C ILE A 25 10.80 -0.73 0.88
N GLY A 26 9.79 -0.18 1.54
CA GLY A 26 9.97 0.33 2.88
C GLY A 26 8.75 0.10 3.75
N ILE A 27 9.04 0.12 5.05
CA ILE A 27 8.03 0.09 6.10
C ILE A 27 7.94 1.49 6.70
N ASP A 28 6.74 2.07 6.65
CA ASP A 28 6.51 3.44 7.08
C ASP A 28 5.63 3.43 8.32
N ILE A 29 6.12 4.04 9.39
CA ILE A 29 5.40 4.10 10.65
C ILE A 29 5.13 5.57 10.94
N LYS A 30 3.97 6.05 10.50
CA LYS A 30 3.53 7.41 10.76
C LYS A 30 4.51 8.45 10.24
N SER A 31 5.29 8.10 9.21
CA SER A 31 6.20 9.01 8.56
C SER A 31 6.56 8.45 7.19
N ILE A 32 6.74 9.34 6.21
CA ILE A 32 7.22 8.92 4.91
C ILE A 32 8.65 8.44 4.98
N ARG A 33 9.40 8.88 5.99
CA ARG A 33 10.79 8.44 6.18
C ARG A 33 10.76 7.03 6.74
N SER A 34 11.00 6.05 5.86
CA SER A 34 10.85 4.64 6.20
C SER A 34 11.72 4.23 7.38
N LYS A 35 11.13 3.49 8.32
CA LYS A 35 11.92 2.94 9.43
C LYS A 35 12.93 1.92 8.94
N LYS A 36 12.62 1.20 7.86
CA LYS A 36 13.56 0.28 7.24
C LYS A 36 13.23 0.18 5.76
N THR A 37 14.27 0.08 4.93
CA THR A 37 14.15 -0.08 3.48
C THR A 37 15.04 -1.23 3.01
N THR A 38 14.66 -1.82 1.87
CA THR A 38 15.50 -2.76 1.15
C THR A 38 15.54 -2.34 -0.31
N ARG A 39 16.69 -2.54 -0.95
CA ARG A 39 16.81 -2.26 -2.39
C ARG A 39 15.89 -3.16 -3.19
N TRP A 40 15.17 -2.55 -4.13
CA TRP A 40 14.14 -3.21 -4.94
C TRP A 40 14.43 -2.93 -6.41
N ASN A 41 14.76 -3.99 -7.15
CA ASN A 41 14.97 -3.91 -8.60
C ASN A 41 13.61 -4.00 -9.30
N ILE A 42 12.99 -2.84 -9.52
CA ILE A 42 11.73 -2.82 -10.27
C ILE A 42 11.97 -3.23 -11.72
N GLN A 43 11.05 -4.02 -12.28
CA GLN A 43 11.12 -4.45 -13.69
C GLN A 43 9.98 -3.76 -14.44
N ASN A 44 10.32 -2.73 -15.20
CA ASN A 44 9.32 -1.93 -15.92
C ASN A 44 8.37 -2.82 -16.70
N GLY A 45 7.08 -2.52 -16.59
CA GLY A 45 6.05 -3.24 -17.32
C GLY A 45 5.83 -4.69 -16.94
N LYS A 46 6.51 -5.22 -15.93
CA LYS A 46 6.22 -6.58 -15.50
C LYS A 46 5.18 -6.59 -14.39
N VAL A 47 4.55 -7.75 -14.21
CA VAL A 47 3.61 -7.96 -13.11
C VAL A 47 4.40 -8.43 -11.90
N GLY A 48 4.36 -7.64 -10.83
CA GLY A 48 4.97 -8.04 -9.57
C GLY A 48 3.95 -8.39 -8.51
N THR A 49 4.39 -9.10 -7.46
CA THR A 49 3.50 -9.45 -6.36
C THR A 49 4.14 -9.06 -5.04
N ALA A 50 3.36 -8.45 -4.16
CA ALA A 50 3.78 -8.05 -2.82
C ALA A 50 3.03 -8.86 -1.77
N HIS A 51 3.74 -9.36 -0.76
CA HIS A 51 3.12 -10.04 0.38
C HIS A 51 3.56 -9.33 1.65
N ILE A 52 2.59 -9.04 2.51
CA ILE A 52 2.80 -8.35 3.77
C ILE A 52 2.18 -9.19 4.89
N ASN A 53 2.85 -9.24 6.03
CA ASN A 53 2.40 -10.08 7.12
C ASN A 53 2.79 -9.45 8.45
N TYR A 54 1.90 -9.60 9.44
CA TYR A 54 2.15 -9.14 10.81
C TYR A 54 1.37 -10.04 11.77
N ASN A 55 1.92 -10.23 12.96
CA ASN A 55 1.14 -10.79 14.07
C ASN A 55 1.62 -10.16 15.37
N SER A 56 0.69 -10.03 16.33
CA SER A 56 0.97 -9.39 17.60
C SER A 56 1.89 -10.20 18.51
N VAL A 57 2.21 -11.44 18.18
CA VAL A 57 3.11 -12.22 19.03
C VAL A 57 4.55 -11.87 18.72
N GLY A 58 4.92 -11.96 17.44
CA GLY A 58 6.28 -11.62 17.06
C GLY A 58 6.50 -10.13 16.94
N LYS A 59 5.44 -9.36 16.66
CA LYS A 59 5.54 -7.90 16.57
C LYS A 59 6.56 -7.50 15.50
N ARG A 60 6.55 -8.23 14.39
CA ARG A 60 7.47 -7.98 13.28
C ARG A 60 6.64 -7.81 12.01
N LEU A 61 6.66 -6.63 11.44
CA LEU A 61 5.99 -6.35 10.18
C LEU A 61 6.96 -6.58 9.03
N SER A 62 6.60 -7.50 8.14
CA SER A 62 7.42 -7.97 7.03
C SER A 62 6.73 -7.70 5.70
N ALA A 63 7.54 -7.46 4.67
CA ALA A 63 7.05 -7.38 3.30
C ALA A 63 8.08 -8.00 2.36
N ILE A 64 7.57 -8.65 1.32
CA ILE A 64 8.39 -9.18 0.25
C ILE A 64 7.75 -8.79 -1.07
N VAL A 65 8.58 -8.42 -2.04
CA VAL A 65 8.15 -8.09 -3.39
C VAL A 65 8.96 -8.91 -4.36
N SER A 66 8.29 -9.51 -5.32
CA SER A 66 8.98 -10.39 -6.23
C SER A 66 8.38 -10.25 -7.62
N TYR A 67 9.20 -10.57 -8.62
CA TYR A 67 8.82 -10.70 -10.00
C TYR A 67 9.13 -12.11 -10.45
N PRO A 68 8.45 -12.60 -11.50
CA PRO A 68 8.77 -13.94 -12.02
C PRO A 68 10.25 -14.14 -12.30
N ASN A 69 10.76 -15.32 -11.94
CA ASN A 69 12.13 -15.75 -12.23
C ASN A 69 13.21 -14.91 -11.57
N SER A 70 12.86 -13.81 -10.91
CA SER A 70 13.85 -12.87 -10.39
C SER A 70 13.99 -12.99 -8.88
N ASP A 71 15.09 -12.45 -8.36
CA ASP A 71 15.30 -12.44 -6.93
C ASP A 71 14.26 -11.54 -6.26
N SER A 72 13.92 -11.87 -5.03
CA SER A 72 12.95 -11.09 -4.29
C SER A 72 13.67 -9.99 -3.49
N ALA A 73 12.88 -9.03 -3.01
CA ALA A 73 13.32 -8.03 -2.07
C ALA A 73 12.45 -8.13 -0.82
N THR A 74 13.08 -8.24 0.36
CA THR A 74 12.35 -8.41 1.61
C THR A 74 12.75 -7.32 2.60
N VAL A 75 11.81 -6.88 3.43
CA VAL A 75 12.08 -5.88 4.45
C VAL A 75 11.19 -6.16 5.66
N SER A 76 11.75 -5.99 6.85
CA SER A 76 11.10 -6.27 8.11
C SER A 76 11.44 -5.15 9.09
N TYR A 77 10.57 -4.96 10.08
CA TYR A 77 10.78 -3.95 11.10
C TYR A 77 9.95 -4.33 12.31
N ASP A 78 10.62 -4.36 13.47
CA ASP A 78 9.98 -4.78 14.73
C ASP A 78 9.24 -3.57 15.27
N VAL A 79 7.92 -3.69 15.32
CA VAL A 79 7.08 -2.59 15.72
C VAL A 79 5.83 -3.19 16.34
N ASP A 80 5.36 -2.57 17.41
CA ASP A 80 4.18 -3.07 18.11
C ASP A 80 2.96 -2.32 17.59
N LEU A 81 2.36 -2.83 16.52
CA LEU A 81 1.22 -2.13 15.90
C LEU A 81 0.03 -1.84 16.84
N ASP A 82 -0.14 -2.70 17.88
CA ASP A 82 -1.14 -2.56 18.97
C ASP A 82 -0.90 -1.17 19.50
N ASN A 83 0.35 -0.90 19.90
CA ASN A 83 0.52 0.46 20.43
C ASN A 83 0.48 1.60 19.41
N VAL A 84 0.54 1.33 18.11
CA VAL A 84 0.71 2.40 17.13
C VAL A 84 -0.61 2.80 16.48
N LEU A 85 -1.43 1.84 16.10
CA LEU A 85 -2.66 2.04 15.34
C LEU A 85 -3.87 2.07 16.26
N PRO A 86 -4.99 2.67 15.83
CA PRO A 86 -6.21 2.58 16.64
C PRO A 86 -6.81 1.19 16.54
N GLU A 87 -7.71 0.90 17.47
CA GLU A 87 -8.32 -0.42 17.52
C GLU A 87 -9.08 -0.72 16.24
N TRP A 88 -9.71 0.29 15.66
CA TRP A 88 -10.45 0.19 14.41
C TRP A 88 -9.74 0.98 13.33
N VAL A 89 -9.48 0.33 12.21
CA VAL A 89 -8.79 0.95 11.06
C VAL A 89 -9.56 0.61 9.79
N ARG A 90 -9.11 1.23 8.69
CA ARG A 90 -9.42 0.80 7.33
C ARG A 90 -8.11 0.48 6.63
N VAL A 91 -8.18 -0.43 5.68
CA VAL A 91 -7.00 -0.90 4.95
C VAL A 91 -7.14 -0.49 3.49
N GLY A 92 -6.01 -0.26 2.82
CA GLY A 92 -6.10 0.29 1.48
C GLY A 92 -4.81 0.21 0.68
N LEU A 93 -4.93 0.61 -0.60
CA LEU A 93 -3.78 0.81 -1.47
C LEU A 93 -3.76 2.27 -1.89
N SER A 94 -2.56 2.85 -1.99
CA SER A 94 -2.41 4.21 -2.48
C SER A 94 -1.33 4.27 -3.54
N ALA A 95 -1.40 5.29 -4.38
CA ALA A 95 -0.31 5.49 -5.32
C ALA A 95 -0.30 6.94 -5.74
N THR A 96 0.86 7.39 -6.25
CA THR A 96 1.02 8.74 -6.76
C THR A 96 1.93 8.75 -7.97
N THR A 97 1.89 9.88 -8.68
CA THR A 97 2.87 10.28 -9.68
C THR A 97 3.26 11.73 -9.38
N GLY A 98 4.38 12.15 -9.96
CA GLY A 98 4.89 13.49 -9.72
C GLY A 98 5.28 14.19 -11.01
N LEU A 99 6.51 14.68 -11.09
CA LEU A 99 7.04 15.09 -12.39
C LEU A 99 7.30 13.88 -13.29
N TYR A 100 7.63 12.74 -12.71
CA TYR A 100 7.73 11.49 -13.44
C TYR A 100 6.49 10.65 -13.16
N LYS A 101 6.30 9.61 -13.97
CA LYS A 101 5.01 8.91 -13.96
C LYS A 101 5.23 7.40 -14.12
N GLU A 102 4.12 6.69 -13.95
CA GLU A 102 4.05 5.23 -14.02
C GLU A 102 2.60 4.84 -13.96
N THR A 103 2.27 3.74 -14.63
CA THR A 103 1.01 3.09 -14.32
C THR A 103 1.08 2.52 -12.91
N ASN A 104 0.10 2.83 -12.08
CA ASN A 104 -0.02 2.23 -10.77
C ASN A 104 -1.19 1.25 -10.77
N THR A 105 -1.10 0.22 -11.59
CA THR A 105 -2.21 -0.68 -11.88
C THR A 105 -2.20 -1.86 -10.93
N ILE A 106 -3.35 -2.13 -10.30
CA ILE A 106 -3.53 -3.23 -9.36
C ILE A 106 -4.38 -4.29 -10.03
N LEU A 107 -3.83 -5.49 -10.17
CA LEU A 107 -4.52 -6.61 -10.81
C LEU A 107 -5.33 -7.44 -9.84
N SER A 108 -4.89 -7.53 -8.59
CA SER A 108 -5.58 -8.31 -7.56
C SER A 108 -5.12 -7.83 -6.20
N TRP A 109 -5.94 -8.11 -5.18
CA TRP A 109 -5.69 -7.63 -3.82
C TRP A 109 -6.47 -8.50 -2.86
N SER A 110 -5.75 -9.11 -1.92
CA SER A 110 -6.30 -10.03 -0.94
C SER A 110 -5.86 -9.60 0.45
N PHE A 111 -6.73 -9.77 1.45
CA PHE A 111 -6.43 -9.31 2.79
C PHE A 111 -7.12 -10.19 3.82
N THR A 112 -6.38 -10.56 4.87
CA THR A 112 -6.90 -11.36 5.97
C THR A 112 -6.52 -10.71 7.29
N SER A 113 -7.49 -10.62 8.19
CA SER A 113 -7.28 -10.04 9.51
C SER A 113 -7.96 -10.91 10.57
N LYS A 114 -7.24 -11.21 11.65
CA LYS A 114 -7.79 -12.05 12.71
C LYS A 114 -7.59 -11.39 14.06
N LEU A 115 -8.60 -11.49 14.93
CA LEU A 115 -8.53 -10.92 16.28
C LEU A 115 -9.15 -11.90 17.28
N LYS A 116 -8.33 -12.34 18.24
CA LYS A 116 -8.60 -13.42 19.20
C LYS A 116 -8.72 -12.88 20.62
N SER A 117 -9.39 -13.66 21.47
CA SER A 117 -9.49 -13.34 22.90
C SER A 117 -9.74 -14.62 23.71
N THR A 120 -10.65 -21.16 23.37
CA THR A 120 -11.34 -21.83 22.28
C THR A 120 -11.07 -20.99 21.03
N ALA A 121 -10.92 -21.68 19.89
CA ALA A 121 -10.65 -21.00 18.64
C ALA A 121 -11.92 -20.23 18.27
N ASP A 122 -12.01 -19.00 18.75
CA ASP A 122 -13.17 -18.16 18.48
C ASP A 122 -12.75 -16.78 17.98
N ALA A 123 -11.60 -16.72 17.31
CA ALA A 123 -11.09 -15.46 16.78
C ALA A 123 -12.11 -14.85 15.84
N ASN A 124 -12.08 -13.55 15.73
CA ASN A 124 -12.91 -12.80 14.82
C ASN A 124 -12.04 -12.71 13.54
N ALA A 125 -12.66 -12.66 12.37
CA ALA A 125 -11.84 -12.65 11.17
C ALA A 125 -12.52 -11.86 10.06
N LEU A 126 -11.71 -11.20 9.24
CA LEU A 126 -12.19 -10.56 8.03
C LEU A 126 -11.28 -11.01 6.91
N HIS A 127 -11.87 -11.45 5.81
CA HIS A 127 -11.07 -11.86 4.68
C HIS A 127 -11.76 -11.44 3.40
N PHE A 128 -11.01 -10.78 2.51
CA PHE A 128 -11.53 -10.46 1.19
C PHE A 128 -10.45 -10.68 0.15
N THR A 129 -10.91 -10.98 -1.07
CA THR A 129 -10.04 -11.18 -2.22
C THR A 129 -10.71 -10.58 -3.44
N PHE A 130 -10.06 -9.59 -4.06
CA PHE A 130 -10.42 -9.13 -5.40
C PHE A 130 -9.42 -9.73 -6.37
N ASN A 131 -9.82 -10.78 -7.08
CA ASN A 131 -8.98 -11.23 -8.18
C ASN A 131 -9.34 -10.54 -9.49
N GLN A 132 -10.31 -9.64 -9.47
CA GLN A 132 -10.88 -8.98 -10.63
C GLN A 132 -11.70 -7.81 -10.12
N PHE A 133 -11.56 -6.65 -10.74
CA PHE A 133 -12.29 -5.45 -10.31
C PHE A 133 -13.32 -5.08 -11.36
N SER A 134 -14.52 -4.75 -10.91
CA SER A 134 -15.61 -4.39 -11.80
C SER A 134 -15.86 -2.90 -11.74
N LYS A 135 -16.42 -2.34 -12.81
CA LYS A 135 -16.58 -0.88 -12.89
C LYS A 135 -17.30 -0.32 -11.68
N ASP A 136 -18.28 -1.03 -11.17
CA ASP A 136 -18.97 -0.62 -9.96
C ASP A 136 -18.53 -1.53 -8.82
N GLN A 137 -17.46 -1.13 -8.12
CA GLN A 137 -16.94 -1.91 -7.00
C GLN A 137 -17.43 -1.25 -5.72
N LYS A 138 -18.61 -1.70 -5.26
CA LYS A 138 -19.30 -1.05 -4.16
C LYS A 138 -18.63 -1.28 -2.81
N ASP A 139 -17.81 -2.34 -2.70
CA ASP A 139 -17.12 -2.59 -1.43
C ASP A 139 -15.76 -1.91 -1.36
N LEU A 140 -15.43 -1.05 -2.32
CA LEU A 140 -14.24 -0.22 -2.28
C LEU A 140 -14.63 1.26 -2.15
N ILE A 141 -13.92 1.98 -1.31
CA ILE A 141 -14.03 3.43 -1.20
C ILE A 141 -12.91 4.02 -2.05
N LEU A 142 -13.24 4.56 -3.21
CA LEU A 142 -12.24 5.17 -4.08
C LEU A 142 -12.04 6.63 -3.67
N GLN A 143 -10.78 7.04 -3.58
CA GLN A 143 -10.39 8.41 -3.26
C GLN A 143 -9.45 8.94 -4.34
N GLY A 144 -9.50 10.25 -4.55
CA GLY A 144 -8.58 10.84 -5.51
C GLY A 144 -8.86 10.35 -6.90
N ASP A 145 -7.80 9.99 -7.63
CA ASP A 145 -7.89 9.64 -9.05
C ASP A 145 -8.11 8.14 -9.30
N ALA A 146 -8.42 7.34 -8.28
CA ALA A 146 -8.50 5.89 -8.46
C ALA A 146 -9.80 5.47 -9.13
N THR A 147 -9.71 4.56 -10.10
CA THR A 147 -10.88 4.05 -10.79
C THR A 147 -10.81 2.53 -10.87
N THR A 148 -11.94 1.92 -11.18
CA THR A 148 -12.09 0.49 -11.16
C THR A 148 -12.87 0.06 -12.39
N GLY A 149 -12.57 -1.11 -12.92
CA GLY A 149 -13.21 -1.62 -14.12
C GLY A 149 -12.38 -1.80 -15.35
N THR A 150 -11.50 -0.86 -15.64
CA THR A 150 -10.63 -0.87 -16.82
C THR A 150 -9.90 -2.20 -16.82
N ASP A 151 -10.20 -3.05 -17.80
CA ASP A 151 -9.60 -4.35 -17.97
C ASP A 151 -9.65 -5.21 -16.71
N GLY A 152 -10.69 -5.04 -15.95
CA GLY A 152 -10.82 -5.70 -14.66
C GLY A 152 -9.75 -5.33 -13.66
N ASN A 153 -9.19 -4.13 -13.77
CA ASN A 153 -8.07 -3.73 -12.91
C ASN A 153 -8.47 -2.54 -12.05
N LEU A 154 -7.70 -2.33 -10.99
CA LEU A 154 -7.82 -1.13 -10.18
C LEU A 154 -6.70 -0.19 -10.61
N GLU A 155 -7.07 0.98 -11.15
CA GLU A 155 -6.10 2.00 -11.57
C GLU A 155 -6.05 3.08 -10.49
N LEU A 156 -5.01 3.02 -9.64
CA LEU A 156 -4.90 3.98 -8.54
C LEU A 156 -4.65 5.40 -9.06
N THR A 157 -3.75 5.58 -10.02
CA THR A 157 -3.43 6.91 -10.53
C THR A 157 -3.95 7.08 -11.95
N ARG A 158 -4.11 8.34 -12.33
CA ARG A 158 -4.72 8.70 -13.61
C ARG A 158 -3.90 8.16 -14.77
N VAL A 159 -4.54 7.32 -15.59
CA VAL A 159 -3.96 6.83 -16.84
C VAL A 159 -4.90 7.23 -17.96
N SER A 160 -4.37 7.89 -18.98
CA SER A 160 -5.22 8.31 -20.08
C SER A 160 -5.73 7.10 -20.85
N SER A 161 -6.80 7.31 -21.62
CA SER A 161 -7.52 6.18 -22.23
C SER A 161 -6.61 5.31 -23.08
N ASN A 162 -5.57 5.91 -23.67
CA ASN A 162 -4.59 5.18 -24.47
C ASN A 162 -3.75 4.20 -23.66
N GLY A 163 -3.79 4.27 -22.33
CA GLY A 163 -2.88 3.51 -21.51
C GLY A 163 -1.63 4.25 -21.08
N SER A 164 -1.60 5.60 -21.24
CA SER A 164 -0.41 6.32 -20.83
C SER A 164 -0.62 6.94 -19.45
N PRO A 165 0.36 6.82 -18.56
CA PRO A 165 0.19 7.34 -17.19
C PRO A 165 0.40 8.85 -17.13
N GLN A 166 -0.37 9.50 -16.25
CA GLN A 166 -0.34 10.94 -16.15
C GLN A 166 0.43 11.41 -14.92
N GLY A 167 0.94 12.64 -15.00
CA GLY A 167 1.72 13.19 -13.92
C GLY A 167 0.88 13.83 -12.85
N ASN A 168 1.48 13.91 -11.65
CA ASN A 168 0.84 14.54 -10.50
C ASN A 168 -0.55 13.98 -10.24
N SER A 169 -0.68 12.65 -10.37
CA SER A 169 -1.88 11.96 -9.95
C SER A 169 -1.75 11.46 -8.51
N VAL A 170 -2.89 11.29 -7.85
CA VAL A 170 -2.94 10.63 -6.54
C VAL A 170 -4.22 9.82 -6.51
N GLY A 171 -4.17 8.64 -5.90
CA GLY A 171 -5.35 7.79 -5.79
C GLY A 171 -5.20 6.77 -4.70
N ARG A 172 -6.33 6.42 -4.07
CA ARG A 172 -6.35 5.41 -3.03
C ARG A 172 -7.65 4.60 -3.14
N ALA A 173 -7.59 3.35 -2.67
CA ALA A 173 -8.77 2.51 -2.50
C ALA A 173 -8.70 1.87 -1.11
N LEU A 174 -9.76 2.05 -0.32
CA LEU A 174 -9.91 1.44 0.99
C LEU A 174 -11.07 0.47 0.96
N PHE A 175 -10.93 -0.67 1.66
CA PHE A 175 -12.06 -1.59 1.74
C PHE A 175 -13.19 -0.95 2.53
N TYR A 176 -14.42 -1.24 2.09
CA TYR A 176 -15.59 -0.55 2.62
C TYR A 176 -15.80 -0.84 4.09
N ALA A 177 -15.71 -2.11 4.49
CA ALA A 177 -15.94 -2.37 5.90
C ALA A 177 -14.73 -1.92 6.73
N PRO A 178 -14.99 -1.36 7.91
CA PRO A 178 -13.89 -1.12 8.87
C PRO A 178 -13.36 -2.45 9.41
N VAL A 179 -12.09 -2.42 9.81
CA VAL A 179 -11.36 -3.60 10.26
C VAL A 179 -11.05 -3.46 11.75
N HIS A 180 -11.33 -4.52 12.51
CA HIS A 180 -11.08 -4.58 13.95
C HIS A 180 -9.74 -5.26 14.18
N ILE A 181 -8.71 -4.50 14.53
CA ILE A 181 -7.36 -5.03 14.57
C ILE A 181 -6.79 -5.14 15.98
N TRP A 182 -7.50 -4.61 16.98
CA TRP A 182 -7.08 -4.81 18.36
C TRP A 182 -8.23 -4.39 19.26
N GLU A 183 -8.11 -4.76 20.53
CA GLU A 183 -9.02 -4.30 21.58
C GLU A 183 -8.37 -4.57 22.91
N SER A 184 -8.90 -3.95 23.95
CA SER A 184 -8.42 -4.07 25.30
C SER A 184 -8.19 -5.45 25.83
N SER A 185 -9.10 -6.33 25.55
CA SER A 185 -9.00 -7.68 26.02
C SER A 185 -8.09 -8.61 25.21
N ALA A 186 -7.73 -8.20 24.01
CA ALA A 186 -7.00 -9.00 23.04
C ALA A 186 -5.89 -9.95 23.45
N VAL A 187 -5.91 -11.13 22.88
CA VAL A 187 -4.85 -12.10 23.14
C VAL A 187 -3.83 -12.14 22.00
N VAL A 188 -4.31 -12.30 20.77
CA VAL A 188 -3.46 -12.35 19.58
C VAL A 188 -4.22 -11.66 18.45
N ALA A 189 -3.46 -11.00 17.58
CA ALA A 189 -4.00 -10.41 16.36
C ALA A 189 -2.98 -10.59 15.26
N SER A 190 -3.47 -10.65 14.03
CA SER A 190 -2.57 -10.86 12.91
C SER A 190 -3.28 -10.43 11.65
N PHE A 191 -2.50 -9.98 10.68
CA PHE A 191 -3.05 -9.72 9.38
C PHE A 191 -2.05 -10.14 8.32
N ASP A 192 -2.50 -10.06 7.10
CA ASP A 192 -1.82 -10.69 5.97
C ASP A 192 -2.41 -10.05 4.73
N ALA A 193 -1.58 -9.55 3.83
CA ALA A 193 -2.09 -8.86 2.65
C ALA A 193 -1.21 -9.19 1.46
N THR A 194 -1.84 -9.29 0.30
CA THR A 194 -1.12 -9.56 -0.93
C THR A 194 -1.81 -8.83 -2.08
N PHE A 195 -1.02 -8.34 -3.04
CA PHE A 195 -1.59 -7.70 -4.21
C PHE A 195 -0.60 -7.82 -5.36
N LYS A 196 -1.14 -7.97 -6.56
CA LYS A 196 -0.36 -8.00 -7.79
C LYS A 196 -0.51 -6.66 -8.48
N PHE A 197 0.59 -6.13 -8.95
CA PHE A 197 0.64 -4.81 -9.53
C PHE A 197 1.40 -4.73 -10.84
N LEU A 198 1.04 -3.76 -11.65
CA LEU A 198 1.72 -3.55 -12.91
C LEU A 198 2.23 -2.11 -13.04
N ILE A 199 3.53 -1.97 -12.97
CA ILE A 199 4.18 -0.67 -13.07
C ILE A 199 4.92 -0.48 -14.38
N LYS A 200 4.36 0.37 -15.21
CA LYS A 200 4.95 0.68 -16.50
C LYS A 200 5.19 2.18 -16.59
N SER A 201 6.41 2.56 -17.01
CA SER A 201 6.78 3.94 -17.30
C SER A 201 7.69 3.97 -18.52
N PRO A 202 7.30 4.79 -19.48
CA PRO A 202 7.92 4.99 -20.80
C PRO A 202 9.18 5.76 -20.92
N ASP A 203 9.15 6.85 -20.20
CA ASP A 203 10.29 7.69 -20.14
C ASP A 203 11.16 6.96 -19.17
N SER A 204 12.42 7.38 -19.16
CA SER A 204 13.47 6.79 -18.32
C SER A 204 13.22 6.14 -16.95
N GLU A 205 12.44 6.76 -16.08
CA GLU A 205 12.27 6.24 -14.76
C GLU A 205 10.89 6.59 -14.24
N PRO A 206 10.31 5.68 -13.46
CA PRO A 206 8.97 5.94 -12.95
C PRO A 206 8.87 6.62 -11.60
N ALA A 207 7.67 6.96 -11.22
CA ALA A 207 7.43 7.66 -9.97
C ALA A 207 5.92 7.73 -9.75
N ASP A 208 5.45 7.75 -8.50
CA ASP A 208 6.32 7.75 -7.33
C ASP A 208 6.32 6.43 -6.55
N GLY A 209 5.28 5.64 -6.64
CA GLY A 209 5.17 4.38 -5.98
C GLY A 209 3.77 3.93 -5.65
N ILE A 210 3.69 2.77 -5.03
CA ILE A 210 2.47 2.16 -4.60
C ILE A 210 2.60 1.79 -3.14
N THR A 211 1.51 1.89 -2.44
CA THR A 211 1.45 1.59 -1.06
C THR A 211 0.26 0.73 -0.63
N PHE A 212 0.49 -0.14 0.33
CA PHE A 212 -0.54 -0.85 1.01
C PHE A 212 -0.49 -0.09 2.33
N PHE A 213 -1.61 0.32 2.87
CA PHE A 213 -1.60 1.05 4.12
C PHE A 213 -2.72 0.76 5.07
N ILE A 214 -2.49 1.10 6.32
CA ILE A 214 -3.51 0.96 7.35
C ILE A 214 -3.65 2.30 8.06
N ALA A 215 -4.90 2.76 8.19
CA ALA A 215 -5.20 4.12 8.62
C ALA A 215 -6.44 4.11 9.49
N ASN A 216 -6.64 5.20 10.24
CA ASN A 216 -7.90 5.45 10.90
C ASN A 216 -9.04 5.47 9.88
N ILE A 217 -10.22 5.03 10.31
CA ILE A 217 -11.30 4.67 9.39
C ILE A 217 -11.68 5.83 8.47
N ASP A 218 -11.62 7.06 8.98
CA ASP A 218 -12.12 8.21 8.23
C ASP A 218 -11.04 8.83 7.34
N SER A 219 -9.90 8.17 7.20
CA SER A 219 -8.77 8.73 6.47
C SER A 219 -9.14 9.05 5.03
N SER A 220 -8.64 10.18 4.55
CA SER A 220 -8.69 10.53 3.14
C SER A 220 -7.36 11.14 2.75
N ILE A 221 -7.19 11.35 1.46
CA ILE A 221 -5.95 11.90 0.89
C ILE A 221 -5.64 13.23 1.55
N PRO A 222 -4.57 13.33 2.33
CA PRO A 222 -4.24 14.62 2.95
C PRO A 222 -3.81 15.62 1.89
N SER A 223 -4.09 16.89 2.15
CA SER A 223 -3.63 17.93 1.25
C SER A 223 -2.11 17.96 1.25
N GLY A 224 -1.53 18.13 0.07
CA GLY A 224 -0.10 18.17 -0.10
C GLY A 224 0.60 16.83 -0.14
N SER A 225 -0.15 15.74 -0.35
CA SER A 225 0.39 14.40 -0.18
C SER A 225 0.83 13.76 -1.49
N GLY A 226 0.94 14.55 -2.57
CA GLY A 226 1.25 14.01 -3.88
C GLY A 226 2.71 13.63 -4.09
N GLY A 227 2.96 13.05 -5.26
CA GLY A 227 4.31 12.64 -5.62
C GLY A 227 4.97 11.81 -4.53
N ARG A 228 6.04 12.37 -3.95
CA ARG A 228 6.93 11.64 -3.06
C ARG A 228 6.29 11.26 -1.73
N LEU A 229 5.14 11.84 -1.39
CA LEU A 229 4.45 11.55 -0.14
C LEU A 229 3.39 10.46 -0.32
N LEU A 230 3.37 9.82 -1.49
CA LEU A 230 2.59 8.63 -1.81
C LEU A 230 1.13 8.67 -1.41
N GLY A 231 0.59 9.85 -1.15
CA GLY A 231 -0.82 9.99 -0.80
C GLY A 231 -1.14 9.72 0.65
N LEU A 232 -0.14 9.56 1.52
CA LEU A 232 -0.36 9.20 2.91
C LEU A 232 -0.10 10.33 3.89
N PHE A 233 0.85 11.21 3.59
CA PHE A 233 1.34 12.16 4.58
C PHE A 233 1.25 13.58 4.05
N PRO A 234 0.95 14.53 4.92
CA PRO A 234 0.85 15.93 4.49
C PRO A 234 2.22 16.58 4.33
N ASP A 235 3.18 16.21 5.17
CA ASP A 235 4.54 16.73 5.10
C ASP A 235 5.52 15.57 5.00
N ALA A 236 6.82 15.89 4.93
CA ALA A 236 7.83 14.85 4.85
C ALA A 236 8.55 14.64 6.18
N ASN A 237 7.91 14.95 7.30
CA ASN A 237 8.52 14.77 8.61
C ASN A 237 8.72 13.30 8.92
C1 MMA B . 8.51 16.06 -8.25
C2 MMA B . 7.69 15.99 -6.96
C3 MMA B . 8.10 14.86 -6.10
C4 MMA B . 8.18 13.56 -6.85
C5 MMA B . 9.03 13.66 -8.13
C6 MMA B . 8.97 12.39 -8.92
C7 MMA B . 10.34 17.43 -8.69
O1 MMA B . 9.79 16.38 -7.93
O2 MMA B . 6.28 15.88 -7.28
O3 MMA B . 7.12 14.71 -5.02
O4 MMA B . 8.78 12.59 -5.99
O5 MMA B . 8.53 14.76 -8.98
O6 MMA B . 7.67 12.20 -9.42
MN MN C . 10.91 5.79 0.28
CA CA D . 10.39 8.14 -3.08
#